data_3KPW
#
_entry.id   3KPW
#
_cell.length_a   94.319
_cell.length_b   94.319
_cell.length_c   188.636
_cell.angle_alpha   90.000
_cell.angle_beta   90.000
_cell.angle_gamma   90.000
#
_symmetry.space_group_name_H-M   'P 43 21 2'
#
loop_
_entity.id
_entity.type
_entity.pdbx_description
1 polymer 'Phenylethanolamine N-methyltransferase'
2 non-polymer S-ADENOSYL-L-HOMOCYSTEINE
3 non-polymer ISOQUINOLIN-1-AMINE
4 water water
#
_entity_poly.entity_id   1
_entity_poly.type   'polypeptide(L)'
_entity_poly.pdbx_seq_one_letter_code
;MSGADRSPNAGAAPDSAPGQAAVASAYQRFEPRAYLRNNYAPPRGDLCNPNGVGPWKLRCLAQTFATGEVSGRTLIDIGS
GPTVYQLLSACSHFEDITMTDFLEVNRQELGRWLQEEPGAFNWSMYSQHACLIEGKGECWQDKERQLRARVKRVLPIDVH
QPQPLGAGSPAPLPADALVSAFCLEAVSPDLASFQRALDHITTLLRPGGHLLLIGALEESWYLAGEARLTVVPVSEEEVR
EALVRSGYKVRDLRTYIMPAHLQTGVDDVKGVFFAWAQKVGLEHHHHHH
;
_entity_poly.pdbx_strand_id   A,B
#
# COMPACT_ATOMS: atom_id res chain seq x y z
N ALA A 24 32.74 18.85 9.01
CA ALA A 24 33.45 18.28 10.15
C ALA A 24 32.81 18.72 11.48
N SER A 25 33.19 19.92 11.93
CA SER A 25 32.59 20.54 13.10
C SER A 25 31.19 21.03 12.74
N ALA A 26 30.96 21.28 11.46
CA ALA A 26 29.64 21.72 11.00
C ALA A 26 28.59 20.64 11.30
N TYR A 27 29.02 19.38 11.18
CA TYR A 27 28.10 18.29 11.38
C TYR A 27 27.71 18.14 12.83
N GLN A 28 28.25 19.01 13.68
CA GLN A 28 28.00 18.88 15.11
C GLN A 28 26.68 19.56 15.45
N ARG A 29 26.25 20.46 14.58
CA ARG A 29 24.96 21.11 14.75
C ARG A 29 23.85 20.41 13.97
N PHE A 30 24.22 19.40 13.18
CA PHE A 30 23.28 18.67 12.31
C PHE A 30 22.07 18.13 13.09
N GLU A 31 20.88 18.66 12.79
CA GLU A 31 19.61 18.21 13.42
C GLU A 31 18.88 17.16 12.55
N PRO A 32 18.96 15.88 12.93
CA PRO A 32 18.26 14.79 12.21
C PRO A 32 16.78 15.08 11.88
N ARG A 33 15.99 15.60 12.81
CA ARG A 33 14.59 15.85 12.48
C ARG A 33 14.44 16.95 11.43
N ALA A 34 15.32 17.95 11.49
CA ALA A 34 15.28 19.00 10.49
C ALA A 34 15.71 18.46 9.13
N TYR A 35 16.63 17.50 9.12
CA TYR A 35 17.06 16.92 7.86
C TYR A 35 15.94 16.09 7.23
N LEU A 36 15.34 15.21 8.03
CA LEU A 36 14.17 14.44 7.60
C LEU A 36 13.03 15.33 7.10
N ARG A 37 12.69 16.32 7.90
CA ARG A 37 11.66 17.28 7.50
C ARG A 37 11.96 17.92 6.14
N ASN A 38 13.23 18.26 5.91
CA ASN A 38 13.68 19.02 4.74
C ASN A 38 13.67 18.19 3.48
N ASN A 39 13.85 16.87 3.64
CA ASN A 39 14.10 16.01 2.49
C ASN A 39 13.15 14.84 2.30
N TYR A 40 12.36 14.55 3.33
CA TYR A 40 11.61 13.31 3.37
C TYR A 40 10.19 13.56 3.84
N ALA A 41 9.83 14.84 3.91
CA ALA A 41 8.45 15.27 4.13
C ALA A 41 8.06 16.17 2.96
N PRO A 42 6.75 16.33 2.69
CA PRO A 42 6.35 17.14 1.52
C PRO A 42 7.11 18.45 1.40
N PRO A 43 7.40 18.89 0.16
CA PRO A 43 7.04 18.25 -1.12
C PRO A 43 7.95 17.10 -1.57
N ARG A 44 9.23 17.08 -1.19
CA ARG A 44 10.17 16.04 -1.63
C ARG A 44 9.78 14.66 -1.16
N GLY A 45 8.99 14.62 -0.09
CA GLY A 45 8.55 13.36 0.46
C GLY A 45 7.18 12.95 -0.04
N ASP A 46 6.56 13.73 -0.93
CA ASP A 46 5.30 13.26 -1.51
C ASP A 46 5.58 12.15 -2.50
N LEU A 47 5.16 10.95 -2.16
CA LEU A 47 5.46 9.82 -3.01
C LEU A 47 4.38 9.57 -4.07
N CYS A 48 3.26 10.28 -3.98
CA CYS A 48 2.12 10.03 -4.89
C CYS A 48 2.43 10.31 -6.35
N ASN A 49 3.18 11.38 -6.61
CA ASN A 49 3.54 11.74 -7.98
C ASN A 49 4.83 11.03 -8.41
N PRO A 50 4.72 10.17 -9.43
CA PRO A 50 5.78 9.30 -9.94
C PRO A 50 6.95 10.12 -10.49
N ASN A 51 6.72 11.39 -10.83
CA ASN A 51 7.78 12.24 -11.36
C ASN A 51 8.67 12.90 -10.30
N GLY A 52 8.41 12.63 -9.03
CA GLY A 52 9.26 13.17 -7.98
C GLY A 52 10.56 12.42 -7.71
N VAL A 53 11.41 13.04 -6.90
CA VAL A 53 12.69 12.43 -6.57
C VAL A 53 12.59 11.16 -5.73
N GLY A 54 11.66 11.11 -4.79
CA GLY A 54 11.50 9.91 -3.97
C GLY A 54 11.23 8.69 -4.82
N PRO A 55 10.14 8.75 -5.61
CA PRO A 55 9.81 7.62 -6.50
C PRO A 55 10.97 7.23 -7.40
N TRP A 56 11.66 8.22 -7.98
CA TRP A 56 12.83 7.97 -8.84
C TRP A 56 13.94 7.20 -8.11
N LYS A 57 14.28 7.64 -6.91
CA LYS A 57 15.28 6.92 -6.14
C LYS A 57 14.85 5.47 -5.87
N LEU A 58 13.63 5.28 -5.35
CA LEU A 58 13.17 3.93 -5.09
C LEU A 58 13.17 3.06 -6.36
N ARG A 59 12.90 3.68 -7.51
CA ARG A 59 12.90 2.93 -8.77
C ARG A 59 14.31 2.42 -9.12
N CYS A 60 15.32 3.30 -9.04
CA CYS A 60 16.68 2.91 -9.38
C CYS A 60 17.08 1.73 -8.50
N LEU A 61 16.76 1.84 -7.23
CA LEU A 61 17.14 0.79 -6.29
C LEU A 61 16.46 -0.52 -6.66
N ALA A 62 15.13 -0.47 -6.73
CA ALA A 62 14.31 -1.66 -7.03
C ALA A 62 14.72 -2.33 -8.34
N GLN A 63 14.81 -1.55 -9.40
CA GLN A 63 15.17 -2.10 -10.71
C GLN A 63 16.50 -2.83 -10.65
N THR A 64 17.46 -2.19 -9.99
CA THR A 64 18.81 -2.72 -9.91
C THR A 64 18.86 -4.11 -9.25
N PHE A 65 18.27 -4.23 -8.05
CA PHE A 65 18.19 -5.53 -7.40
C PHE A 65 17.33 -6.52 -8.16
N ALA A 66 16.33 -6.05 -8.89
CA ALA A 66 15.42 -6.98 -9.56
C ALA A 66 16.12 -7.70 -10.70
N THR A 67 17.33 -7.26 -11.02
CA THR A 67 18.11 -7.92 -12.07
C THR A 67 18.71 -9.24 -11.60
N GLY A 68 18.67 -9.44 -10.28
CA GLY A 68 19.28 -10.61 -9.67
C GLY A 68 20.78 -10.66 -9.86
N GLU A 69 21.42 -9.52 -10.13
CA GLU A 69 22.88 -9.53 -10.27
C GLU A 69 23.63 -8.95 -9.08
N VAL A 70 22.88 -8.40 -8.13
CA VAL A 70 23.47 -7.86 -6.93
C VAL A 70 22.99 -8.68 -5.75
N SER A 71 23.84 -9.58 -5.30
CA SER A 71 23.42 -10.63 -4.38
C SER A 71 24.60 -11.03 -3.50
N GLY A 72 24.29 -11.67 -2.37
CA GLY A 72 25.30 -11.95 -1.36
C GLY A 72 24.69 -12.13 0.01
N ARG A 73 25.54 -12.24 1.02
CA ARG A 73 25.08 -12.50 2.38
C ARG A 73 25.10 -11.24 3.23
N THR A 74 26.07 -10.36 2.98
CA THR A 74 26.25 -9.17 3.79
C THR A 74 26.35 -7.88 2.98
N LEU A 75 25.83 -6.81 3.58
CA LEU A 75 25.74 -5.51 2.95
C LEU A 75 26.03 -4.44 3.98
N ILE A 76 26.63 -3.34 3.55
CA ILE A 76 26.87 -2.19 4.42
C ILE A 76 26.36 -0.88 3.81
N ASP A 77 25.59 -0.15 4.61
CA ASP A 77 25.07 1.15 4.19
C ASP A 77 25.95 2.23 4.80
N ILE A 78 26.58 3.02 3.94
CA ILE A 78 27.57 4.03 4.33
C ILE A 78 26.92 5.39 4.48
N GLY A 79 27.03 5.98 5.66
CA GLY A 79 26.47 7.30 5.88
C GLY A 79 24.95 7.28 5.84
N SER A 80 24.37 6.35 6.58
CA SER A 80 22.93 6.11 6.58
C SER A 80 22.15 7.35 6.95
N GLY A 81 22.76 8.19 7.77
CA GLY A 81 22.03 9.24 8.45
C GLY A 81 20.86 8.66 9.26
N PRO A 82 19.73 9.37 9.29
CA PRO A 82 18.54 8.90 9.99
C PRO A 82 17.54 8.31 9.00
N THR A 83 18.00 7.71 7.91
CA THR A 83 17.05 7.26 6.89
C THR A 83 17.21 5.76 6.58
N VAL A 84 16.08 5.08 6.27
CA VAL A 84 16.14 3.65 5.96
C VAL A 84 15.67 3.30 4.54
N TYR A 85 15.08 4.26 3.84
CA TYR A 85 14.44 4.00 2.54
C TYR A 85 15.39 3.35 1.58
N GLN A 86 16.68 3.61 1.77
CA GLN A 86 17.69 3.20 0.80
C GLN A 86 17.99 1.72 0.91
N LEU A 87 17.37 1.04 1.86
CA LEU A 87 17.59 -0.39 2.02
C LEU A 87 16.32 -1.22 1.73
N LEU A 88 15.19 -0.57 1.53
CA LEU A 88 13.90 -1.27 1.40
C LEU A 88 13.92 -2.38 0.36
N SER A 89 14.46 -2.09 -0.82
CA SER A 89 14.56 -3.09 -1.86
C SER A 89 15.77 -4.00 -1.57
N ALA A 90 16.81 -3.42 -0.98
CA ALA A 90 18.03 -4.17 -0.72
C ALA A 90 17.79 -5.32 0.26
N CYS A 91 16.90 -5.12 1.22
CA CYS A 91 16.83 -6.01 2.38
C CYS A 91 16.42 -7.45 2.07
N SER A 92 15.83 -7.69 0.90
CA SER A 92 15.44 -9.05 0.57
C SER A 92 16.54 -9.83 -0.16
N HIS A 93 17.69 -9.19 -0.39
CA HIS A 93 18.80 -9.90 -1.02
C HIS A 93 20.02 -10.06 -0.13
N PHE A 94 19.91 -9.64 1.12
CA PHE A 94 21.05 -9.67 2.04
C PHE A 94 20.61 -9.92 3.47
N GLU A 95 21.13 -11.00 4.06
CA GLU A 95 20.66 -11.44 5.36
C GLU A 95 21.34 -10.71 6.50
N ASP A 96 22.54 -10.21 6.26
CA ASP A 96 23.25 -9.47 7.28
C ASP A 96 23.51 -8.06 6.76
N ILE A 97 22.86 -7.09 7.39
CA ILE A 97 22.98 -5.72 6.95
C ILE A 97 23.52 -4.89 8.08
N THR A 98 24.53 -4.08 7.76
CA THR A 98 25.13 -3.13 8.68
C THR A 98 24.77 -1.73 8.26
N MET A 99 24.32 -0.93 9.21
CA MET A 99 24.07 0.48 8.94
C MET A 99 25.11 1.33 9.66
N THR A 100 25.35 2.52 9.16
CA THR A 100 26.43 3.32 9.71
C THR A 100 26.09 4.81 9.67
N ASP A 101 26.74 5.56 10.56
CA ASP A 101 26.83 7.00 10.39
C ASP A 101 27.88 7.57 11.31
N PHE A 102 28.33 8.77 10.96
CA PHE A 102 29.32 9.49 11.73
C PHE A 102 28.73 10.06 13.03
N LEU A 103 27.44 10.39 13.01
CA LEU A 103 26.81 11.04 14.17
C LEU A 103 26.05 10.10 15.11
N GLU A 104 26.30 10.27 16.40
CA GLU A 104 25.55 9.58 17.44
C GLU A 104 24.05 9.83 17.32
N VAL A 105 23.66 11.10 17.15
CA VAL A 105 22.24 11.44 17.07
C VAL A 105 21.53 10.73 15.91
N ASN A 106 22.21 10.61 14.78
CA ASN A 106 21.65 9.85 13.67
C ASN A 106 21.52 8.38 14.00
N ARG A 107 22.54 7.82 14.65
CA ARG A 107 22.46 6.43 15.06
C ARG A 107 21.33 6.23 16.05
N GLN A 108 21.10 7.22 16.91
CA GLN A 108 20.03 7.10 17.89
C GLN A 108 18.69 7.10 17.19
N GLU A 109 18.58 7.93 16.15
CA GLU A 109 17.33 8.07 15.43
C GLU A 109 16.97 6.80 14.67
N LEU A 110 17.97 6.13 14.12
CA LEU A 110 17.78 4.83 13.47
C LEU A 110 17.24 3.78 14.43
N GLY A 111 17.80 3.75 15.64
CA GLY A 111 17.41 2.80 16.65
C GLY A 111 15.96 3.03 17.02
N ARG A 112 15.57 4.29 17.07
CA ARG A 112 14.18 4.60 17.37
C ARG A 112 13.25 3.92 16.36
N TRP A 113 13.68 3.82 15.10
CA TRP A 113 12.87 3.12 14.11
C TRP A 113 13.13 1.62 14.09
N LEU A 114 14.39 1.20 14.25
CA LEU A 114 14.65 -0.23 14.23
C LEU A 114 13.93 -0.97 15.38
N GLN A 115 13.83 -0.29 16.52
CA GLN A 115 13.23 -0.86 17.73
C GLN A 115 11.76 -0.50 17.89
N GLU A 116 11.17 0.10 16.85
CA GLU A 116 9.80 0.62 16.90
C GLU A 116 9.53 1.46 18.15
N GLU A 117 10.57 2.16 18.61
CA GLU A 117 10.49 2.99 19.81
C GLU A 117 9.64 4.22 19.61
N PRO A 118 9.40 4.97 20.70
CA PRO A 118 8.56 6.17 20.66
C PRO A 118 9.17 7.34 19.90
N GLY A 119 8.34 7.95 19.06
CA GLY A 119 8.73 9.15 18.35
C GLY A 119 9.54 8.87 17.10
N ALA A 120 9.69 7.59 16.76
CA ALA A 120 10.39 7.20 15.56
C ALA A 120 9.81 7.92 14.34
N PHE A 121 10.65 8.11 13.33
CA PHE A 121 10.20 8.62 12.04
C PHE A 121 9.31 7.58 11.37
N ASN A 122 8.29 8.05 10.65
CA ASN A 122 7.34 7.18 9.96
C ASN A 122 7.73 6.97 8.51
N TRP A 123 8.34 5.82 8.22
CA TRP A 123 8.81 5.50 6.86
C TRP A 123 7.76 4.76 6.00
N SER A 124 6.60 4.50 6.59
CA SER A 124 5.62 3.61 5.98
C SER A 124 5.22 3.98 4.56
N MET A 125 5.14 5.27 4.23
CA MET A 125 4.91 5.65 2.82
C MET A 125 5.95 5.08 1.84
N TYR A 126 7.22 5.08 2.26
CA TYR A 126 8.33 4.57 1.44
C TYR A 126 8.31 3.03 1.34
N SER A 127 8.12 2.38 2.48
CA SER A 127 7.84 0.94 2.51
C SER A 127 6.75 0.55 1.51
N GLN A 128 5.62 1.25 1.58
CA GLN A 128 4.48 0.95 0.74
C GLN A 128 4.86 1.10 -0.72
N HIS A 129 5.62 2.16 -1.02
CA HIS A 129 6.01 2.41 -2.40
C HIS A 129 7.04 1.45 -2.91
N ALA A 130 7.99 1.06 -2.07
CA ALA A 130 8.91 0.01 -2.47
C ALA A 130 8.11 -1.25 -2.81
N CYS A 131 7.11 -1.56 -1.97
CA CYS A 131 6.23 -2.71 -2.23
C CYS A 131 5.49 -2.55 -3.57
N LEU A 132 4.91 -1.38 -3.79
CA LEU A 132 4.27 -1.09 -5.09
C LEU A 132 5.20 -1.33 -6.26
N ILE A 133 6.41 -0.77 -6.18
CA ILE A 133 7.38 -0.76 -7.27
C ILE A 133 7.90 -2.18 -7.53
N GLU A 134 8.26 -2.88 -6.46
CA GLU A 134 8.80 -4.21 -6.61
C GLU A 134 7.79 -5.17 -7.22
N GLY A 135 6.50 -4.94 -6.97
CA GLY A 135 5.46 -5.69 -7.63
C GLY A 135 5.40 -7.19 -7.34
N LYS A 136 5.67 -7.59 -6.10
CA LYS A 136 5.57 -9.00 -5.75
C LYS A 136 4.40 -9.16 -4.82
N GLY A 137 3.57 -8.13 -4.76
CA GLY A 137 2.41 -8.14 -3.90
C GLY A 137 2.71 -8.21 -2.41
N GLU A 138 3.92 -7.82 -2.00
CA GLU A 138 4.27 -7.84 -0.57
C GLU A 138 3.59 -6.70 0.20
N CYS A 139 3.11 -6.99 1.40
CA CYS A 139 2.57 -5.93 2.24
C CYS A 139 3.69 -5.14 2.90
N TRP A 140 3.44 -3.86 3.16
CA TRP A 140 4.50 -3.00 3.64
C TRP A 140 5.01 -3.39 5.02
N GLN A 141 4.14 -3.93 5.87
CA GLN A 141 4.59 -4.41 7.19
C GLN A 141 5.57 -5.59 7.09
N ASP A 142 5.35 -6.48 6.14
CA ASP A 142 6.26 -7.59 5.98
C ASP A 142 7.62 -7.04 5.57
N LYS A 143 7.58 -6.02 4.72
CA LYS A 143 8.80 -5.42 4.25
C LYS A 143 9.59 -4.80 5.39
N GLU A 144 8.92 -4.03 6.24
CA GLU A 144 9.60 -3.33 7.33
C GLU A 144 10.16 -4.33 8.33
N ARG A 145 9.37 -5.36 8.61
CA ARG A 145 9.79 -6.46 9.47
C ARG A 145 11.08 -7.11 8.97
N GLN A 146 11.17 -7.35 7.66
CA GLN A 146 12.32 -8.05 7.09
C GLN A 146 13.55 -7.17 7.21
N LEU A 147 13.39 -5.88 6.91
CA LEU A 147 14.46 -4.91 7.05
C LEU A 147 14.93 -4.83 8.50
N ARG A 148 13.99 -4.68 9.42
CA ARG A 148 14.31 -4.56 10.85
C ARG A 148 15.06 -5.80 11.33
N ALA A 149 14.75 -6.96 10.75
CA ALA A 149 15.31 -8.22 11.20
C ALA A 149 16.71 -8.44 10.66
N ARG A 150 16.92 -8.00 9.42
CA ARG A 150 18.20 -8.21 8.76
C ARG A 150 19.25 -7.15 9.14
N VAL A 151 18.81 -6.00 9.64
CA VAL A 151 19.75 -5.04 10.17
C VAL A 151 20.29 -5.52 11.53
N LYS A 152 21.53 -5.98 11.53
CA LYS A 152 22.12 -6.55 12.72
C LYS A 152 22.74 -5.49 13.63
N ARG A 153 23.33 -4.46 13.02
CA ARG A 153 24.08 -3.46 13.79
C ARG A 153 24.08 -2.07 13.17
N VAL A 154 24.09 -1.04 14.02
CA VAL A 154 24.29 0.33 13.59
C VAL A 154 25.61 0.81 14.17
N LEU A 155 26.57 1.12 13.29
CA LEU A 155 27.95 1.43 13.68
C LEU A 155 28.41 2.83 13.28
N PRO A 156 29.27 3.44 14.11
CA PRO A 156 29.94 4.68 13.76
C PRO A 156 30.89 4.44 12.61
N ILE A 157 31.14 5.47 11.82
CA ILE A 157 32.00 5.37 10.67
C ILE A 157 32.49 6.76 10.30
N ASP A 158 33.70 6.82 9.75
CA ASP A 158 34.26 8.05 9.18
C ASP A 158 34.94 7.71 7.87
N VAL A 159 34.43 8.25 6.77
CA VAL A 159 34.93 7.90 5.45
C VAL A 159 36.28 8.56 5.16
N HIS A 160 36.63 9.58 5.93
CA HIS A 160 37.96 10.16 5.82
C HIS A 160 39.04 9.20 6.31
N GLN A 161 38.70 8.29 7.21
CA GLN A 161 39.66 7.31 7.71
C GLN A 161 39.89 6.23 6.67
N PRO A 162 41.17 5.89 6.41
CA PRO A 162 41.51 4.81 5.48
C PRO A 162 40.90 3.49 5.90
N GLN A 163 40.58 3.37 7.18
CA GLN A 163 39.79 2.25 7.66
C GLN A 163 38.52 2.83 8.31
N PRO A 164 37.51 3.09 7.48
CA PRO A 164 36.36 3.94 7.86
C PRO A 164 35.56 3.38 9.03
N LEU A 165 35.62 2.07 9.21
CA LEU A 165 34.89 1.38 10.29
C LEU A 165 35.73 1.13 11.51
N GLY A 166 36.95 1.69 11.53
CA GLY A 166 37.87 1.43 12.61
C GLY A 166 38.51 0.06 12.49
N ALA A 167 39.13 -0.37 13.58
CA ALA A 167 39.93 -1.60 13.58
C ALA A 167 39.12 -2.87 13.88
N GLY A 168 38.63 -2.99 15.10
CA GLY A 168 37.98 -4.22 15.54
C GLY A 168 36.50 -4.26 15.22
N SER A 169 36.17 -4.02 13.95
CA SER A 169 34.78 -3.86 13.50
C SER A 169 33.95 -5.13 13.64
N PRO A 170 32.77 -5.02 14.26
CA PRO A 170 31.82 -6.13 14.38
C PRO A 170 31.25 -6.48 13.01
N ALA A 171 31.40 -5.55 12.06
CA ALA A 171 30.93 -5.76 10.69
C ALA A 171 31.74 -6.82 9.97
N PRO A 172 31.06 -7.75 9.30
CA PRO A 172 31.76 -8.80 8.55
C PRO A 172 32.42 -8.21 7.33
N LEU A 173 33.74 -8.31 7.23
CA LEU A 173 34.42 -7.81 6.03
C LEU A 173 35.11 -8.93 5.26
N PRO A 174 35.22 -8.75 3.92
CA PRO A 174 34.68 -7.57 3.26
C PRO A 174 33.21 -7.79 2.96
N ALA A 175 32.49 -6.72 2.66
CA ALA A 175 31.06 -6.81 2.36
C ALA A 175 30.83 -7.31 0.94
N ASP A 176 29.73 -8.02 0.73
CA ASP A 176 29.39 -8.47 -0.59
C ASP A 176 28.91 -7.29 -1.44
N ALA A 177 28.45 -6.24 -0.76
CA ALA A 177 27.84 -5.07 -1.41
C ALA A 177 27.85 -3.85 -0.51
N LEU A 178 27.90 -2.67 -1.12
CA LEU A 178 27.75 -1.40 -0.41
C LEU A 178 26.61 -0.57 -1.01
N VAL A 179 25.92 0.17 -0.15
CA VAL A 179 24.99 1.20 -0.60
C VAL A 179 25.43 2.53 0.06
N SER A 180 25.28 3.65 -0.62
CA SER A 180 25.52 4.93 0.04
C SER A 180 24.79 6.06 -0.63
N ALA A 181 23.99 6.77 0.15
CA ALA A 181 23.16 7.83 -0.41
C ALA A 181 23.48 9.17 0.21
N PHE A 182 23.89 10.11 -0.64
CA PHE A 182 24.05 11.50 -0.21
C PHE A 182 25.13 11.69 0.88
N CYS A 183 26.11 10.78 0.92
CA CYS A 183 27.18 10.92 1.89
C CYS A 183 28.42 11.63 1.36
N LEU A 184 29.16 10.96 0.48
CA LEU A 184 30.48 11.43 0.09
C LEU A 184 30.57 12.91 -0.32
N GLU A 185 29.75 13.34 -1.26
CA GLU A 185 29.81 14.72 -1.72
C GLU A 185 29.48 15.68 -0.57
N ALA A 186 28.68 15.20 0.36
CA ALA A 186 28.21 15.97 1.51
C ALA A 186 29.22 16.08 2.64
N VAL A 187 30.26 15.25 2.63
CA VAL A 187 31.26 15.28 3.69
C VAL A 187 32.66 15.65 3.17
N SER A 188 32.71 16.16 1.94
CA SER A 188 33.95 16.40 1.21
C SER A 188 34.05 17.83 0.66
N PRO A 189 35.13 18.54 0.98
CA PRO A 189 35.33 19.94 0.56
C PRO A 189 35.54 20.08 -0.95
N ASP A 190 36.04 19.03 -1.59
CA ASP A 190 36.43 19.12 -3.00
C ASP A 190 36.53 17.75 -3.62
N LEU A 191 36.72 17.75 -4.93
CA LEU A 191 36.86 16.50 -5.68
C LEU A 191 37.81 15.48 -5.05
N ALA A 192 39.05 15.88 -4.78
CA ALA A 192 40.05 14.92 -4.37
C ALA A 192 39.64 14.29 -3.06
N SER A 193 39.02 15.07 -2.21
CA SER A 193 38.61 14.51 -0.95
C SER A 193 37.49 13.49 -1.23
N PHE A 194 36.58 13.85 -2.13
CA PHE A 194 35.51 12.96 -2.55
C PHE A 194 36.11 11.67 -3.09
N GLN A 195 37.19 11.84 -3.86
CA GLN A 195 37.88 10.71 -4.50
C GLN A 195 38.51 9.83 -3.45
N ARG A 196 39.22 10.43 -2.51
CA ARG A 196 39.81 9.67 -1.42
C ARG A 196 38.77 8.95 -0.59
N ALA A 197 37.70 9.64 -0.21
CA ALA A 197 36.59 9.00 0.52
C ALA A 197 36.06 7.77 -0.22
N LEU A 198 35.80 7.92 -1.51
CA LEU A 198 35.41 6.77 -2.33
C LEU A 198 36.42 5.62 -2.24
N ASP A 199 37.71 5.93 -2.31
CA ASP A 199 38.77 4.95 -2.10
C ASP A 199 38.63 4.29 -0.73
N HIS A 200 38.48 5.09 0.32
CA HIS A 200 38.35 4.54 1.68
C HIS A 200 37.20 3.52 1.80
N ILE A 201 36.00 3.88 1.38
CA ILE A 201 34.88 2.95 1.50
C ILE A 201 35.11 1.73 0.61
N THR A 202 35.76 1.94 -0.53
CA THR A 202 35.95 0.84 -1.48
C THR A 202 36.71 -0.32 -0.87
N THR A 203 37.58 -0.03 0.10
CA THR A 203 38.36 -1.09 0.78
C THR A 203 37.44 -2.02 1.58
N LEU A 204 36.22 -1.58 1.86
CA LEU A 204 35.27 -2.38 2.62
C LEU A 204 34.57 -3.39 1.71
N LEU A 205 34.61 -3.14 0.41
CA LEU A 205 33.90 -3.95 -0.56
C LEU A 205 34.78 -5.07 -1.10
N ARG A 206 34.23 -6.27 -1.09
CA ARG A 206 34.86 -7.45 -1.65
C ARG A 206 35.03 -7.29 -3.16
N PRO A 207 36.14 -7.82 -3.71
CA PRO A 207 36.33 -7.76 -5.18
C PRO A 207 35.19 -8.48 -5.88
N GLY A 208 34.70 -7.90 -6.97
CA GLY A 208 33.56 -8.47 -7.65
C GLY A 208 32.24 -8.00 -7.06
N GLY A 209 32.31 -7.40 -5.88
CA GLY A 209 31.12 -6.92 -5.19
C GLY A 209 30.51 -5.70 -5.84
N HIS A 210 29.41 -5.20 -5.26
CA HIS A 210 28.67 -4.11 -5.90
C HIS A 210 28.51 -2.90 -5.02
N LEU A 211 28.55 -1.73 -5.63
CA LEU A 211 28.26 -0.50 -4.90
C LEU A 211 27.11 0.24 -5.58
N LEU A 212 26.09 0.53 -4.80
CA LEU A 212 25.01 1.39 -5.27
C LEU A 212 25.22 2.75 -4.63
N LEU A 213 25.46 3.76 -5.44
CA LEU A 213 25.78 5.06 -4.89
C LEU A 213 24.82 6.09 -5.44
N ILE A 214 24.26 6.89 -4.52
CA ILE A 214 23.28 7.90 -4.88
C ILE A 214 23.76 9.20 -4.27
N GLY A 215 23.56 10.30 -4.98
CA GLY A 215 24.05 11.55 -4.43
C GLY A 215 23.57 12.79 -5.13
N ALA A 216 23.88 13.93 -4.55
CA ALA A 216 23.47 15.21 -5.11
C ALA A 216 24.43 15.63 -6.20
N LEU A 217 23.86 16.26 -7.23
CA LEU A 217 24.59 16.74 -8.38
C LEU A 217 24.66 18.25 -8.37
N GLU A 218 25.88 18.76 -8.44
CA GLU A 218 26.10 20.19 -8.54
C GLU A 218 25.52 20.94 -7.34
N GLU A 219 25.55 20.31 -6.19
CA GLU A 219 25.08 20.94 -4.96
C GLU A 219 26.30 21.52 -4.20
N SER A 220 26.12 22.66 -3.53
CA SER A 220 27.23 23.23 -2.76
C SER A 220 26.96 23.48 -1.27
N TRP A 221 25.69 23.50 -0.88
CA TRP A 221 25.31 23.59 0.54
C TRP A 221 23.93 22.99 0.72
N TYR A 222 23.65 22.55 1.95
CA TYR A 222 22.29 22.20 2.34
C TYR A 222 22.18 22.46 3.83
N LEU A 223 20.96 22.55 4.34
CA LEU A 223 20.73 22.91 5.73
C LEU A 223 20.12 21.77 6.49
N ALA A 224 20.53 21.65 7.76
CA ALA A 224 19.93 20.68 8.68
C ALA A 224 19.64 21.34 10.03
N GLY A 225 18.67 22.25 10.05
CA GLY A 225 18.38 22.99 11.27
C GLY A 225 19.42 24.09 11.42
N GLU A 226 20.12 24.10 12.57
CA GLU A 226 21.15 25.10 12.82
C GLU A 226 22.40 24.84 12.01
N ALA A 227 22.55 23.61 11.52
CA ALA A 227 23.72 23.26 10.73
C ALA A 227 23.59 23.74 9.29
N ARG A 228 24.68 24.32 8.81
CA ARG A 228 24.83 24.74 7.42
C ARG A 228 26.03 23.99 6.85
N LEU A 229 25.78 23.02 5.97
CA LEU A 229 26.83 22.11 5.53
C LEU A 229 27.32 22.46 4.16
N THR A 230 28.63 22.34 3.98
CA THR A 230 29.23 22.57 2.67
C THR A 230 29.22 21.30 1.86
N VAL A 231 29.04 21.44 0.56
CA VAL A 231 28.98 20.29 -0.32
C VAL A 231 29.93 20.55 -1.46
N VAL A 232 30.53 19.50 -2.00
CA VAL A 232 31.28 19.66 -3.22
C VAL A 232 30.35 19.42 -4.41
N PRO A 233 30.17 20.43 -5.25
CA PRO A 233 29.32 20.24 -6.43
C PRO A 233 30.02 19.31 -7.43
N VAL A 234 29.42 18.16 -7.71
CA VAL A 234 29.96 17.21 -8.69
C VAL A 234 29.03 17.00 -9.88
N SER A 235 29.60 16.64 -11.02
CA SER A 235 28.83 16.32 -12.23
C SER A 235 28.74 14.82 -12.42
N GLU A 236 27.82 14.39 -13.29
CA GLU A 236 27.75 12.97 -13.64
C GLU A 236 29.10 12.44 -14.12
N GLU A 237 29.74 13.15 -15.05
CA GLU A 237 31.03 12.74 -15.59
C GLU A 237 32.08 12.64 -14.48
N GLU A 238 32.06 13.61 -13.56
CA GLU A 238 32.99 13.58 -12.45
C GLU A 238 32.75 12.33 -11.59
N VAL A 239 31.49 12.06 -11.28
CA VAL A 239 31.13 10.88 -10.49
C VAL A 239 31.63 9.63 -11.18
N ARG A 240 31.32 9.50 -12.46
CA ARG A 240 31.79 8.35 -13.22
C ARG A 240 33.31 8.18 -13.11
N GLU A 241 34.05 9.21 -13.48
CA GLU A 241 35.50 9.13 -13.49
C GLU A 241 36.05 8.69 -12.14
N ALA A 242 35.47 9.20 -11.07
CA ALA A 242 35.88 8.82 -9.72
C ALA A 242 35.71 7.33 -9.44
N LEU A 243 34.60 6.77 -9.91
CA LEU A 243 34.34 5.34 -9.70
C LEU A 243 35.38 4.52 -10.43
N VAL A 244 35.64 4.91 -11.68
CA VAL A 244 36.68 4.27 -12.45
C VAL A 244 38.03 4.31 -11.74
N ARG A 245 38.42 5.52 -11.33
CA ARG A 245 39.69 5.72 -10.64
C ARG A 245 39.79 4.82 -9.41
N SER A 246 38.64 4.46 -8.86
CA SER A 246 38.63 3.71 -7.59
C SER A 246 38.63 2.20 -7.79
N GLY A 247 38.46 1.75 -9.04
CA GLY A 247 38.52 0.34 -9.35
C GLY A 247 37.20 -0.27 -9.76
N TYR A 248 36.23 0.57 -10.11
CA TYR A 248 34.91 0.06 -10.45
C TYR A 248 34.67 0.01 -11.96
N LYS A 249 33.95 -1.00 -12.43
CA LYS A 249 33.31 -0.88 -13.74
C LYS A 249 31.91 -0.33 -13.52
N VAL A 250 31.60 0.75 -14.21
CA VAL A 250 30.30 1.38 -14.05
C VAL A 250 29.28 0.69 -14.92
N ARG A 251 28.36 -0.03 -14.28
CA ARG A 251 27.32 -0.79 -14.99
C ARG A 251 26.14 0.11 -15.35
N ASP A 252 25.88 1.09 -14.49
CA ASP A 252 24.80 2.02 -14.73
C ASP A 252 24.97 3.37 -14.01
N LEU A 253 24.58 4.43 -14.70
CA LEU A 253 24.67 5.77 -14.12
C LEU A 253 23.58 6.63 -14.74
N ARG A 254 22.60 7.02 -13.92
CA ARG A 254 21.44 7.78 -14.39
C ARG A 254 21.32 9.08 -13.61
N THR A 255 20.74 10.08 -14.25
CA THR A 255 20.52 11.36 -13.62
C THR A 255 19.04 11.73 -13.56
N TYR A 256 18.67 12.25 -12.41
CA TYR A 256 17.36 12.82 -12.22
C TYR A 256 17.62 14.32 -12.10
N ILE A 257 16.98 15.08 -12.98
CA ILE A 257 17.03 16.53 -12.89
C ILE A 257 15.92 17.06 -11.97
N MET A 258 16.29 17.96 -11.08
CA MET A 258 15.41 18.38 -9.99
C MET A 258 14.37 19.41 -10.46
N PRO A 259 13.07 19.03 -10.46
CA PRO A 259 12.11 20.01 -10.99
C PRO A 259 12.01 21.21 -10.07
N ALA A 260 11.54 22.31 -10.63
CA ALA A 260 11.38 23.57 -9.91
C ALA A 260 10.67 23.37 -8.57
N HIS A 261 9.51 22.72 -8.61
CA HIS A 261 8.67 22.59 -7.42
C HIS A 261 9.39 21.84 -6.29
N LEU A 262 10.47 21.13 -6.61
CA LEU A 262 11.20 20.46 -5.55
C LEU A 262 12.48 21.22 -5.16
N GLN A 263 12.64 22.44 -5.69
CA GLN A 263 13.74 23.32 -5.31
C GLN A 263 13.28 24.26 -4.22
N THR A 264 13.69 24.03 -2.98
CA THR A 264 12.95 24.57 -1.86
C THR A 264 13.66 25.36 -0.78
N GLY A 265 14.80 25.97 -1.06
CA GLY A 265 15.42 26.72 0.03
C GLY A 265 16.20 25.91 1.06
N VAL A 266 16.03 24.59 1.11
CA VAL A 266 16.85 23.76 2.01
C VAL A 266 18.23 23.44 1.45
N ASP A 267 18.44 23.74 0.17
CA ASP A 267 19.73 23.49 -0.46
C ASP A 267 19.74 24.06 -1.85
N ASP A 268 20.74 23.65 -2.63
CA ASP A 268 20.84 24.12 -3.99
C ASP A 268 21.16 22.98 -4.97
N VAL A 269 20.68 21.78 -4.64
CA VAL A 269 20.92 20.61 -5.46
C VAL A 269 20.35 20.88 -6.85
N LYS A 270 21.01 20.39 -7.90
CA LYS A 270 20.46 20.56 -9.26
C LYS A 270 19.82 19.28 -9.84
N GLY A 271 20.34 18.13 -9.43
CA GLY A 271 19.90 16.85 -9.93
C GLY A 271 20.35 15.81 -8.93
N VAL A 272 19.97 14.56 -9.16
CA VAL A 272 20.40 13.46 -8.31
C VAL A 272 20.93 12.39 -9.22
N PHE A 273 22.05 11.76 -8.85
CA PHE A 273 22.60 10.71 -9.69
C PHE A 273 22.41 9.37 -9.04
N PHE A 274 22.24 8.34 -9.86
CA PHE A 274 22.30 6.97 -9.37
C PHE A 274 23.39 6.24 -10.11
N ALA A 275 24.33 5.66 -9.36
CA ALA A 275 25.35 4.81 -9.96
C ALA A 275 25.34 3.39 -9.40
N TRP A 276 25.40 2.43 -10.32
CA TRP A 276 25.62 1.03 -10.02
C TRP A 276 27.02 0.65 -10.52
N ALA A 277 27.93 0.41 -9.58
CA ALA A 277 29.33 0.15 -9.90
C ALA A 277 29.73 -1.22 -9.38
N GLN A 278 30.67 -1.85 -10.07
CA GLN A 278 31.15 -3.16 -9.65
C GLN A 278 32.67 -3.16 -9.44
N LYS A 279 33.10 -3.56 -8.25
CA LYS A 279 34.52 -3.62 -7.94
C LYS A 279 35.16 -4.70 -8.81
N VAL A 280 36.26 -4.35 -9.45
CA VAL A 280 36.95 -5.30 -10.30
C VAL A 280 38.42 -4.95 -10.47
N PRO B 14 -45.83 -18.53 0.27
CA PRO B 14 -46.22 -18.07 1.60
C PRO B 14 -46.20 -16.55 1.75
N ASP B 15 -46.15 -16.11 3.00
CA ASP B 15 -46.25 -14.70 3.34
C ASP B 15 -44.86 -14.10 3.52
N SER B 16 -44.57 -13.04 2.79
CA SER B 16 -43.23 -12.46 2.87
C SER B 16 -43.06 -11.57 4.11
N ALA B 17 -44.12 -10.86 4.48
CA ALA B 17 -44.04 -9.84 5.53
C ALA B 17 -43.40 -10.27 6.86
N PRO B 18 -43.71 -11.49 7.33
CA PRO B 18 -43.24 -11.83 8.68
C PRO B 18 -41.72 -11.97 8.75
N GLY B 19 -41.13 -12.84 7.94
CA GLY B 19 -39.68 -12.96 7.92
C GLY B 19 -39.03 -11.60 7.77
N GLN B 20 -39.46 -10.83 6.78
CA GLN B 20 -38.88 -9.51 6.55
C GLN B 20 -38.95 -8.69 7.81
N ALA B 21 -39.95 -8.98 8.64
CA ALA B 21 -40.20 -8.17 9.81
C ALA B 21 -39.21 -8.54 10.91
N ALA B 22 -38.95 -9.84 11.04
CA ALA B 22 -37.92 -10.34 11.96
C ALA B 22 -36.57 -9.72 11.58
N VAL B 23 -36.25 -9.78 10.28
CA VAL B 23 -35.02 -9.24 9.76
C VAL B 23 -34.84 -7.78 10.16
N ALA B 24 -35.77 -6.94 9.72
CA ALA B 24 -35.75 -5.54 10.11
C ALA B 24 -35.55 -5.38 11.64
N SER B 25 -36.34 -6.14 12.41
CA SER B 25 -36.28 -6.09 13.87
C SER B 25 -34.86 -6.35 14.36
N ALA B 26 -34.26 -7.43 13.86
CA ALA B 26 -32.95 -7.82 14.32
C ALA B 26 -31.87 -6.78 13.94
N TYR B 27 -31.97 -6.16 12.78
CA TYR B 27 -30.97 -5.17 12.35
C TYR B 27 -31.03 -3.88 13.17
N GLN B 28 -32.09 -3.69 13.93
CA GLN B 28 -32.14 -2.51 14.79
C GLN B 28 -31.04 -2.56 15.85
N ARG B 29 -30.46 -3.75 16.07
CA ARG B 29 -29.37 -3.91 17.04
C ARG B 29 -27.97 -4.01 16.41
N PHE B 30 -27.93 -4.04 15.08
CA PHE B 30 -26.68 -4.06 14.33
C PHE B 30 -25.79 -2.90 14.78
N GLU B 31 -24.57 -3.24 15.23
CA GLU B 31 -23.59 -2.23 15.66
C GLU B 31 -22.43 -2.16 14.68
N PRO B 32 -22.40 -1.09 13.87
CA PRO B 32 -21.39 -0.96 12.80
C PRO B 32 -19.95 -1.16 13.29
N ARG B 33 -19.56 -0.51 14.38
CA ARG B 33 -18.18 -0.64 14.87
C ARG B 33 -17.81 -2.07 15.23
N ALA B 34 -18.77 -2.80 15.79
CA ALA B 34 -18.57 -4.19 16.19
C ALA B 34 -18.39 -5.05 14.95
N TYR B 35 -19.25 -4.80 13.95
CA TYR B 35 -19.16 -5.45 12.65
C TYR B 35 -17.82 -5.18 11.95
N LEU B 36 -17.41 -3.91 11.96
CA LEU B 36 -16.12 -3.50 11.38
C LEU B 36 -14.99 -4.26 12.02
N ARG B 37 -14.98 -4.23 13.34
CA ARG B 37 -14.02 -4.98 14.12
C ARG B 37 -14.08 -6.49 13.80
N ASN B 38 -15.27 -7.06 13.80
CA ASN B 38 -15.38 -8.49 13.62
C ASN B 38 -14.83 -8.97 12.27
N ASN B 39 -15.01 -8.16 11.22
CA ASN B 39 -14.74 -8.62 9.85
C ASN B 39 -13.60 -7.92 9.08
N TYR B 40 -13.23 -6.72 9.52
CA TYR B 40 -12.27 -5.93 8.76
C TYR B 40 -11.03 -5.48 9.57
N ALA B 41 -10.98 -5.87 10.84
CA ALA B 41 -9.76 -5.79 11.64
C ALA B 41 -9.18 -7.20 11.74
N PRO B 42 -7.92 -7.33 12.20
CA PRO B 42 -7.33 -8.69 12.19
C PRO B 42 -8.05 -9.65 13.10
N PRO B 43 -7.95 -10.97 12.83
CA PRO B 43 -7.18 -11.65 11.78
C PRO B 43 -7.76 -11.57 10.34
N ARG B 44 -9.08 -11.40 10.21
CA ARG B 44 -9.69 -11.33 8.87
C ARG B 44 -9.22 -10.11 8.10
N GLY B 45 -8.95 -9.03 8.83
CA GLY B 45 -8.48 -7.80 8.21
C GLY B 45 -7.00 -7.79 7.92
N ASP B 46 -6.31 -8.92 8.16
CA ASP B 46 -4.88 -8.95 7.91
C ASP B 46 -4.65 -9.16 6.44
N LEU B 47 -4.16 -8.11 5.78
CA LEU B 47 -4.00 -8.19 4.34
C LEU B 47 -2.64 -8.79 3.94
N CYS B 48 -1.80 -9.04 4.92
CA CYS B 48 -0.45 -9.51 4.62
C CYS B 48 -0.45 -10.95 4.12
N ASN B 49 -1.25 -11.80 4.74
CA ASN B 49 -1.35 -13.19 4.27
C ASN B 49 -2.24 -13.28 3.04
N PRO B 50 -1.64 -13.63 1.89
CA PRO B 50 -2.33 -13.69 0.60
C PRO B 50 -3.37 -14.81 0.57
N ASN B 51 -3.29 -15.72 1.53
CA ASN B 51 -4.24 -16.82 1.61
C ASN B 51 -5.47 -16.45 2.46
N GLY B 52 -5.52 -15.21 2.92
CA GLY B 52 -6.60 -14.75 3.76
C GLY B 52 -7.77 -14.31 2.91
N VAL B 53 -8.89 -14.03 3.57
CA VAL B 53 -10.11 -13.75 2.83
C VAL B 53 -10.06 -12.35 2.24
N GLY B 54 -9.54 -11.39 2.99
CA GLY B 54 -9.40 -10.03 2.49
C GLY B 54 -8.72 -9.96 1.14
N PRO B 55 -7.52 -10.54 1.05
CA PRO B 55 -6.82 -10.40 -0.24
C PRO B 55 -7.52 -11.15 -1.38
N TRP B 56 -8.19 -12.25 -1.05
CA TRP B 56 -8.99 -12.99 -2.05
C TRP B 56 -10.10 -12.12 -2.61
N LYS B 57 -10.87 -11.50 -1.71
CA LYS B 57 -11.94 -10.58 -2.15
C LYS B 57 -11.41 -9.46 -3.05
N LEU B 58 -10.35 -8.77 -2.61
CA LEU B 58 -9.77 -7.67 -3.39
C LEU B 58 -9.30 -8.15 -4.74
N ARG B 59 -8.75 -9.36 -4.75
CA ARG B 59 -8.25 -9.95 -5.99
C ARG B 59 -9.39 -10.26 -6.99
N CYS B 60 -10.51 -10.79 -6.47
CA CYS B 60 -11.65 -11.07 -7.34
C CYS B 60 -12.11 -9.79 -8.01
N LEU B 61 -12.21 -8.73 -7.23
CA LEU B 61 -12.70 -7.47 -7.76
C LEU B 61 -11.70 -6.86 -8.74
N ALA B 62 -10.45 -6.72 -8.32
CA ALA B 62 -9.40 -6.16 -9.18
C ALA B 62 -9.31 -6.91 -10.50
N GLN B 63 -9.18 -8.24 -10.43
CA GLN B 63 -9.04 -9.02 -11.67
C GLN B 63 -10.22 -8.84 -12.59
N THR B 64 -11.40 -8.70 -12.01
CA THR B 64 -12.61 -8.62 -12.79
C THR B 64 -12.63 -7.27 -13.52
N PHE B 65 -12.27 -6.23 -12.80
CA PHE B 65 -12.26 -4.91 -13.40
C PHE B 65 -11.14 -4.75 -14.41
N ALA B 66 -10.15 -5.63 -14.30
CA ALA B 66 -8.96 -5.55 -15.13
C ALA B 66 -9.21 -6.12 -16.51
N THR B 67 -10.29 -6.88 -16.67
CA THR B 67 -10.64 -7.37 -18.00
C THR B 67 -11.10 -6.24 -18.91
N GLY B 68 -11.29 -5.06 -18.33
CA GLY B 68 -11.88 -3.92 -19.04
C GLY B 68 -13.34 -4.17 -19.43
N GLU B 69 -13.89 -5.33 -19.07
CA GLU B 69 -15.20 -5.73 -19.54
C GLU B 69 -16.36 -5.21 -18.72
N VAL B 70 -16.06 -4.68 -17.55
CA VAL B 70 -17.09 -4.11 -16.72
C VAL B 70 -16.93 -2.60 -16.66
N SER B 71 -17.72 -1.90 -17.46
CA SER B 71 -17.60 -0.46 -17.49
C SER B 71 -18.90 0.25 -17.77
N GLY B 72 -18.84 1.58 -17.66
CA GLY B 72 -19.99 2.40 -17.93
C GLY B 72 -19.93 3.69 -17.15
N ARG B 73 -21.06 4.35 -17.01
CA ARG B 73 -21.08 5.61 -16.33
C ARG B 73 -21.45 5.40 -14.87
N THR B 74 -22.44 4.55 -14.61
CA THR B 74 -22.99 4.47 -13.26
C THR B 74 -23.00 3.08 -12.60
N LEU B 75 -22.72 3.10 -11.32
CA LEU B 75 -22.61 1.88 -10.55
C LEU B 75 -23.37 2.08 -9.25
N ILE B 76 -24.08 1.05 -8.81
CA ILE B 76 -24.78 1.09 -7.53
C ILE B 76 -24.26 -0.03 -6.63
N ASP B 77 -23.91 0.31 -5.39
CA ASP B 77 -23.49 -0.67 -4.41
C ASP B 77 -24.65 -0.94 -3.49
N ILE B 78 -25.05 -2.21 -3.42
CA ILE B 78 -26.28 -2.67 -2.77
C ILE B 78 -25.99 -3.22 -1.38
N GLY B 79 -26.50 -2.53 -0.36
CA GLY B 79 -26.24 -2.92 1.00
C GLY B 79 -24.78 -2.75 1.34
N SER B 80 -24.26 -1.52 1.18
CA SER B 80 -22.87 -1.20 1.44
C SER B 80 -22.49 -1.42 2.89
N GLY B 81 -23.44 -1.23 3.79
CA GLY B 81 -23.11 -1.28 5.21
C GLY B 81 -22.13 -0.16 5.47
N PRO B 82 -21.24 -0.36 6.44
CA PRO B 82 -20.28 0.69 6.79
C PRO B 82 -18.92 0.51 6.09
N THR B 83 -18.86 -0.24 4.99
CA THR B 83 -17.58 -0.60 4.36
C THR B 83 -17.46 -0.04 2.95
N VAL B 84 -16.22 0.17 2.52
CA VAL B 84 -15.96 0.72 1.19
C VAL B 84 -14.99 -0.10 0.35
N TYR B 85 -14.34 -1.09 0.97
CA TYR B 85 -13.32 -1.89 0.27
C TYR B 85 -13.88 -2.46 -1.04
N GLN B 86 -15.19 -2.75 -1.05
CA GLN B 86 -15.80 -3.39 -2.22
C GLN B 86 -15.86 -2.48 -3.44
N LEU B 87 -15.45 -1.23 -3.29
CA LEU B 87 -15.49 -0.26 -4.39
C LEU B 87 -14.07 0.25 -4.82
N LEU B 88 -13.04 -0.21 -4.16
CA LEU B 88 -11.70 0.33 -4.38
C LEU B 88 -11.20 0.16 -5.82
N SER B 89 -11.37 -1.05 -6.38
CA SER B 89 -11.04 -1.30 -7.77
C SER B 89 -12.11 -0.80 -8.73
N ALA B 90 -13.35 -0.76 -8.25
CA ALA B 90 -14.46 -0.37 -9.09
C ALA B 90 -14.37 1.10 -9.51
N CYS B 91 -13.81 1.92 -8.63
CA CYS B 91 -14.00 3.36 -8.73
C CYS B 91 -13.21 4.00 -9.87
N SER B 92 -12.21 3.31 -10.41
CA SER B 92 -11.54 3.81 -11.62
C SER B 92 -12.37 3.59 -12.89
N HIS B 93 -13.46 2.85 -12.78
CA HIS B 93 -14.24 2.47 -13.96
C HIS B 93 -15.64 3.09 -14.02
N PHE B 94 -16.07 3.77 -12.94
CA PHE B 94 -17.39 4.43 -12.93
C PHE B 94 -17.32 5.85 -12.36
N GLU B 95 -17.83 6.84 -13.10
CA GLU B 95 -17.77 8.22 -12.61
C GLU B 95 -18.87 8.51 -11.60
N ASP B 96 -19.96 7.76 -11.69
CA ASP B 96 -21.09 8.01 -10.80
C ASP B 96 -21.38 6.74 -9.99
N ILE B 97 -21.10 6.82 -8.70
CA ILE B 97 -21.33 5.70 -7.82
C ILE B 97 -22.37 6.03 -6.76
N THR B 98 -23.41 5.21 -6.67
CA THR B 98 -24.36 5.25 -5.56
C THR B 98 -23.99 4.19 -4.49
N MET B 99 -23.87 4.61 -3.23
CA MET B 99 -23.78 3.67 -2.11
C MET B 99 -25.14 3.58 -1.44
N THR B 100 -25.38 2.55 -0.64
CA THR B 100 -26.71 2.33 -0.08
C THR B 100 -26.70 1.46 1.17
N ASP B 101 -27.62 1.73 2.10
CA ASP B 101 -27.91 0.77 3.16
C ASP B 101 -29.26 0.97 3.81
N PHE B 102 -29.77 -0.12 4.38
CA PHE B 102 -30.99 -0.12 5.15
C PHE B 102 -30.88 0.80 6.37
N LEU B 103 -29.73 0.75 7.03
CA LEU B 103 -29.57 1.37 8.35
C LEU B 103 -28.91 2.75 8.29
N GLU B 104 -29.58 3.72 8.89
CA GLU B 104 -29.03 5.05 8.97
C GLU B 104 -27.64 5.06 9.61
N VAL B 105 -27.45 4.27 10.65
CA VAL B 105 -26.17 4.31 11.39
C VAL B 105 -25.00 3.88 10.52
N ASN B 106 -25.26 2.95 9.60
CA ASN B 106 -24.27 2.59 8.59
C ASN B 106 -24.03 3.77 7.64
N ARG B 107 -25.11 4.38 7.17
CA ARG B 107 -24.98 5.49 6.25
C ARG B 107 -24.18 6.61 6.91
N GLN B 108 -24.37 6.84 8.20
CA GLN B 108 -23.59 7.84 8.94
C GLN B 108 -22.12 7.47 8.98
N GLU B 109 -21.87 6.19 9.12
CA GLU B 109 -20.53 5.68 9.16
C GLU B 109 -19.83 6.02 7.83
N LEU B 110 -20.49 5.77 6.71
CA LEU B 110 -19.92 6.18 5.43
C LEU B 110 -19.76 7.70 5.39
N GLY B 111 -20.74 8.41 5.94
CA GLY B 111 -20.64 9.85 6.11
C GLY B 111 -19.28 10.25 6.66
N ARG B 112 -18.85 9.58 7.73
CA ARG B 112 -17.64 9.97 8.43
C ARG B 112 -16.45 9.74 7.51
N TRP B 113 -16.51 8.66 6.74
CA TRP B 113 -15.37 8.38 5.89
C TRP B 113 -15.34 9.36 4.73
N LEU B 114 -16.51 9.65 4.17
CA LEU B 114 -16.57 10.58 3.05
C LEU B 114 -16.01 11.95 3.43
N GLN B 115 -16.26 12.36 4.66
CA GLN B 115 -15.81 13.66 5.13
C GLN B 115 -14.35 13.59 5.53
N GLU B 116 -13.79 12.39 5.45
CA GLU B 116 -12.39 12.18 5.79
C GLU B 116 -12.14 12.59 7.23
N GLU B 117 -13.13 12.34 8.09
CA GLU B 117 -12.94 12.59 9.51
C GLU B 117 -12.04 11.54 10.12
N PRO B 118 -11.25 11.94 11.12
CA PRO B 118 -10.40 11.00 11.88
C PRO B 118 -11.24 9.98 12.65
N GLY B 119 -12.44 10.37 13.08
CA GLY B 119 -13.32 9.44 13.75
C GLY B 119 -13.67 8.23 12.87
N ALA B 120 -13.39 8.35 11.58
CA ALA B 120 -13.81 7.36 10.60
C ALA B 120 -13.06 6.05 10.73
N PHE B 121 -13.69 4.97 10.29
CA PHE B 121 -12.94 3.74 10.16
C PHE B 121 -11.84 3.99 9.16
N ASN B 122 -10.67 3.42 9.46
CA ASN B 122 -9.51 3.52 8.60
C ASN B 122 -9.39 2.39 7.60
N TRP B 123 -9.59 2.72 6.33
CA TRP B 123 -9.53 1.74 5.25
C TRP B 123 -8.20 1.70 4.52
N SER B 124 -7.22 2.47 5.00
CA SER B 124 -5.99 2.69 4.22
C SER B 124 -5.19 1.42 3.87
N MET B 125 -5.15 0.43 4.75
CA MET B 125 -4.55 -0.87 4.38
C MET B 125 -5.23 -1.53 3.17
N TYR B 126 -6.56 -1.45 3.13
CA TYR B 126 -7.31 -1.98 1.99
C TYR B 126 -7.06 -1.16 0.72
N SER B 127 -7.07 0.16 0.86
CA SER B 127 -6.67 1.04 -0.24
C SER B 127 -5.27 0.72 -0.76
N GLN B 128 -4.32 0.57 0.14
CA GLN B 128 -2.97 0.30 -0.32
C GLN B 128 -2.93 -1.05 -1.00
N HIS B 129 -3.61 -2.03 -0.40
CA HIS B 129 -3.57 -3.39 -0.96
C HIS B 129 -4.19 -3.44 -2.37
N ALA B 130 -5.27 -2.70 -2.60
CA ALA B 130 -5.83 -2.63 -3.95
C ALA B 130 -4.84 -1.97 -4.92
N CYS B 131 -4.24 -0.86 -4.49
CA CYS B 131 -3.20 -0.23 -5.30
C CYS B 131 -2.14 -1.25 -5.65
N LEU B 132 -1.73 -2.02 -4.64
CA LEU B 132 -0.72 -3.06 -4.82
C LEU B 132 -1.06 -4.08 -5.89
N ILE B 133 -2.28 -4.60 -5.86
CA ILE B 133 -2.58 -5.68 -6.79
C ILE B 133 -3.08 -5.20 -8.14
N GLU B 134 -3.53 -3.94 -8.20
CA GLU B 134 -3.98 -3.42 -9.49
C GLU B 134 -2.79 -3.16 -10.39
N GLY B 135 -1.63 -2.94 -9.77
CA GLY B 135 -0.36 -2.92 -10.48
C GLY B 135 -0.10 -1.71 -11.37
N LYS B 136 -0.66 -0.55 -11.02
CA LYS B 136 -0.45 0.68 -11.79
C LYS B 136 0.43 1.64 -11.02
N GLY B 137 1.00 1.16 -9.93
CA GLY B 137 1.72 2.05 -9.03
C GLY B 137 0.93 3.24 -8.50
N GLU B 138 -0.38 3.14 -8.40
CA GLU B 138 -1.15 4.25 -7.83
C GLU B 138 -0.89 4.34 -6.32
N CYS B 139 -0.75 5.55 -5.78
CA CYS B 139 -0.69 5.66 -4.33
C CYS B 139 -2.10 5.56 -3.74
N TRP B 140 -2.18 5.18 -2.47
CA TRP B 140 -3.45 4.89 -1.85
C TRP B 140 -4.29 6.14 -1.61
N GLN B 141 -3.61 7.25 -1.33
CA GLN B 141 -4.30 8.51 -1.11
C GLN B 141 -5.04 8.97 -2.38
N ASP B 142 -4.50 8.64 -3.54
CA ASP B 142 -5.17 9.05 -4.77
C ASP B 142 -6.38 8.16 -5.02
N LYS B 143 -6.21 6.87 -4.76
CA LYS B 143 -7.28 5.88 -4.86
C LYS B 143 -8.46 6.34 -3.98
N GLU B 144 -8.18 6.69 -2.72
CA GLU B 144 -9.22 7.12 -1.78
C GLU B 144 -9.89 8.42 -2.18
N ARG B 145 -9.09 9.31 -2.77
CA ARG B 145 -9.59 10.64 -3.11
C ARG B 145 -10.54 10.54 -4.30
N GLN B 146 -10.24 9.59 -5.19
CA GLN B 146 -11.06 9.30 -6.33
C GLN B 146 -12.37 8.60 -5.95
N LEU B 147 -12.32 7.73 -4.95
CA LEU B 147 -13.51 7.05 -4.49
C LEU B 147 -14.43 8.06 -3.83
N ARG B 148 -13.85 8.89 -2.96
CA ARG B 148 -14.62 9.96 -2.34
C ARG B 148 -15.25 10.91 -3.37
N ALA B 149 -14.57 11.14 -4.49
CA ALA B 149 -15.09 12.08 -5.49
C ALA B 149 -16.24 11.45 -6.27
N ARG B 150 -16.12 10.15 -6.51
CA ARG B 150 -17.04 9.46 -7.37
C ARG B 150 -18.33 8.99 -6.69
N VAL B 151 -18.33 8.91 -5.35
CA VAL B 151 -19.52 8.56 -4.62
C VAL B 151 -20.50 9.74 -4.61
N LYS B 152 -21.54 9.71 -5.45
CA LYS B 152 -22.43 10.86 -5.60
C LYS B 152 -23.60 10.91 -4.61
N ARG B 153 -23.83 9.82 -3.90
CA ARG B 153 -24.93 9.77 -2.97
C ARG B 153 -24.88 8.51 -2.13
N VAL B 154 -25.45 8.58 -0.93
CA VAL B 154 -25.64 7.43 -0.06
C VAL B 154 -27.12 7.32 0.28
N LEU B 155 -27.75 6.24 -0.18
CA LEU B 155 -29.20 6.16 -0.15
C LEU B 155 -29.71 5.04 0.74
N PRO B 156 -30.90 5.26 1.32
CA PRO B 156 -31.56 4.15 2.03
C PRO B 156 -31.92 3.13 0.98
N ILE B 157 -31.98 1.86 1.38
CA ILE B 157 -32.35 0.80 0.46
C ILE B 157 -32.96 -0.36 1.23
N ASP B 158 -33.98 -0.98 0.64
CA ASP B 158 -34.57 -2.19 1.19
C ASP B 158 -34.78 -3.17 0.04
N VAL B 159 -34.00 -4.24 0.00
CA VAL B 159 -34.04 -5.14 -1.15
C VAL B 159 -35.31 -5.99 -1.22
N HIS B 160 -36.10 -5.99 -0.16
CA HIS B 160 -37.34 -6.75 -0.15
C HIS B 160 -38.47 -6.03 -0.86
N GLN B 161 -38.32 -4.72 -1.03
CA GLN B 161 -39.24 -3.95 -1.87
C GLN B 161 -38.94 -4.20 -3.33
N PRO B 162 -39.99 -4.21 -4.16
CA PRO B 162 -39.88 -4.38 -5.61
C PRO B 162 -39.12 -3.22 -6.26
N GLN B 163 -39.23 -2.06 -5.64
CA GLN B 163 -38.35 -0.92 -5.95
C GLN B 163 -37.52 -0.70 -4.71
N PRO B 164 -36.34 -1.30 -4.69
CA PRO B 164 -35.52 -1.31 -3.47
C PRO B 164 -35.08 0.09 -3.06
N LEU B 165 -35.03 1.02 -4.01
CA LEU B 165 -34.65 2.41 -3.74
C LEU B 165 -35.83 3.32 -3.46
N GLY B 166 -37.05 2.81 -3.63
CA GLY B 166 -38.23 3.62 -3.47
C GLY B 166 -38.69 4.07 -4.84
N ALA B 167 -39.68 4.96 -4.86
CA ALA B 167 -40.22 5.44 -6.11
C ALA B 167 -39.67 6.83 -6.40
N GLY B 168 -39.29 7.06 -7.65
CA GLY B 168 -38.72 8.33 -8.05
C GLY B 168 -37.41 8.63 -7.33
N SER B 169 -36.57 7.60 -7.24
CA SER B 169 -35.29 7.66 -6.53
C SER B 169 -34.33 8.62 -7.21
N PRO B 170 -33.31 9.05 -6.47
CA PRO B 170 -32.28 9.92 -7.04
C PRO B 170 -31.40 9.15 -8.01
N ALA B 171 -31.14 7.89 -7.67
CA ALA B 171 -30.15 7.13 -8.39
C ALA B 171 -30.40 7.19 -9.89
N PRO B 172 -29.33 7.38 -10.65
CA PRO B 172 -29.46 7.26 -12.09
C PRO B 172 -29.83 5.82 -12.37
N LEU B 173 -31.03 5.60 -12.90
CA LEU B 173 -31.47 4.26 -13.26
C LEU B 173 -31.82 4.25 -14.72
N PRO B 174 -31.56 3.10 -15.38
CA PRO B 174 -30.92 1.96 -14.72
C PRO B 174 -29.41 2.07 -14.77
N ALA B 175 -28.77 1.51 -13.75
CA ALA B 175 -27.32 1.54 -13.60
C ALA B 175 -26.64 0.67 -14.65
N ASP B 176 -25.37 0.96 -14.94
CA ASP B 176 -24.56 0.11 -15.82
C ASP B 176 -24.02 -1.12 -15.09
N ALA B 177 -23.94 -1.05 -13.77
CA ALA B 177 -23.40 -2.16 -12.97
C ALA B 177 -23.86 -2.17 -11.51
N LEU B 178 -23.88 -3.34 -10.91
CA LEU B 178 -24.17 -3.46 -9.50
C LEU B 178 -22.99 -4.14 -8.80
N VAL B 179 -22.72 -3.69 -7.59
CA VAL B 179 -21.88 -4.43 -6.69
C VAL B 179 -22.71 -4.72 -5.44
N SER B 180 -22.53 -5.90 -4.87
CA SER B 180 -23.18 -6.16 -3.59
C SER B 180 -22.42 -7.20 -2.80
N ALA B 181 -22.10 -6.88 -1.57
CA ALA B 181 -21.27 -7.81 -0.81
C ALA B 181 -21.89 -8.16 0.53
N PHE B 182 -22.11 -9.45 0.73
CA PHE B 182 -22.61 -9.97 1.99
C PHE B 182 -23.95 -9.33 2.40
N CYS B 183 -24.73 -8.90 1.42
CA CYS B 183 -26.03 -8.33 1.73
C CYS B 183 -27.18 -9.34 1.60
N LEU B 184 -27.47 -9.78 0.38
CA LEU B 184 -28.61 -10.64 0.14
C LEU B 184 -28.79 -11.79 1.13
N GLU B 185 -27.77 -12.59 1.37
CA GLU B 185 -27.94 -13.73 2.26
C GLU B 185 -28.07 -13.31 3.71
N ALA B 186 -27.58 -12.11 4.02
CA ALA B 186 -27.55 -11.67 5.40
C ALA B 186 -28.87 -11.05 5.84
N VAL B 187 -29.81 -10.90 4.91
CA VAL B 187 -31.06 -10.22 5.22
C VAL B 187 -32.28 -10.99 4.72
N SER B 188 -32.04 -12.22 4.29
CA SER B 188 -33.08 -13.05 3.73
C SER B 188 -33.31 -14.25 4.64
N PRO B 189 -34.54 -14.40 5.14
CA PRO B 189 -34.85 -15.52 6.06
C PRO B 189 -34.68 -16.88 5.39
N ASP B 190 -34.94 -16.95 4.09
CA ASP B 190 -34.91 -18.23 3.38
C ASP B 190 -34.55 -18.04 1.91
N LEU B 191 -34.35 -19.16 1.24
CA LEU B 191 -34.01 -19.18 -0.18
C LEU B 191 -34.95 -18.40 -1.13
N ALA B 192 -36.25 -18.52 -0.93
CA ALA B 192 -37.22 -17.86 -1.81
C ALA B 192 -37.17 -16.34 -1.62
N SER B 193 -36.92 -15.93 -0.38
CA SER B 193 -36.71 -14.52 -0.02
C SER B 193 -35.44 -13.97 -0.70
N PHE B 194 -34.37 -14.74 -0.57
CA PHE B 194 -33.10 -14.44 -1.24
C PHE B 194 -33.30 -14.21 -2.74
N GLN B 195 -34.04 -15.13 -3.38
CA GLN B 195 -34.26 -15.11 -4.82
C GLN B 195 -34.99 -13.84 -5.20
N ARG B 196 -36.07 -13.54 -4.49
CA ARG B 196 -36.82 -12.31 -4.70
C ARG B 196 -35.96 -11.05 -4.52
N ALA B 197 -35.12 -11.02 -3.48
CA ALA B 197 -34.24 -9.86 -3.30
C ALA B 197 -33.34 -9.68 -4.54
N LEU B 198 -32.82 -10.80 -5.05
CA LEU B 198 -32.05 -10.76 -6.28
C LEU B 198 -32.87 -10.23 -7.45
N ASP B 199 -34.12 -10.71 -7.59
CA ASP B 199 -35.04 -10.21 -8.61
C ASP B 199 -35.22 -8.69 -8.46
N HIS B 200 -35.44 -8.23 -7.22
CA HIS B 200 -35.68 -6.80 -7.00
C HIS B 200 -34.50 -5.88 -7.42
N ILE B 201 -33.28 -6.23 -7.03
CA ILE B 201 -32.14 -5.38 -7.36
C ILE B 201 -31.83 -5.44 -8.85
N THR B 202 -32.27 -6.54 -9.47
CA THR B 202 -32.00 -6.76 -10.89
C THR B 202 -32.80 -5.80 -11.74
N THR B 203 -33.84 -5.21 -11.16
CA THR B 203 -34.62 -4.19 -11.89
C THR B 203 -33.87 -2.87 -11.96
N LEU B 204 -32.78 -2.75 -11.20
CA LEU B 204 -31.99 -1.51 -11.20
C LEU B 204 -30.86 -1.55 -12.20
N LEU B 205 -30.57 -2.74 -12.71
CA LEU B 205 -29.46 -2.95 -13.63
C LEU B 205 -29.95 -2.92 -15.07
N ARG B 206 -29.23 -2.26 -15.96
CA ARG B 206 -29.61 -2.25 -17.36
C ARG B 206 -29.29 -3.62 -17.95
N PRO B 207 -30.01 -4.02 -19.01
CA PRO B 207 -29.71 -5.25 -19.75
C PRO B 207 -28.31 -5.17 -20.30
N GLY B 208 -27.58 -6.28 -20.33
CA GLY B 208 -26.17 -6.23 -20.71
C GLY B 208 -25.29 -5.69 -19.58
N GLY B 209 -25.91 -5.26 -18.48
CA GLY B 209 -25.18 -4.77 -17.33
C GLY B 209 -24.55 -5.92 -16.52
N HIS B 210 -23.62 -5.58 -15.63
CA HIS B 210 -22.93 -6.60 -14.84
C HIS B 210 -23.21 -6.49 -13.35
N LEU B 211 -23.32 -7.64 -12.69
CA LEU B 211 -23.43 -7.70 -11.24
C LEU B 211 -22.24 -8.44 -10.66
N LEU B 212 -21.56 -7.81 -9.70
CA LEU B 212 -20.51 -8.49 -8.96
C LEU B 212 -21.05 -8.77 -7.58
N LEU B 213 -21.19 -10.05 -7.27
CA LEU B 213 -21.80 -10.47 -6.03
C LEU B 213 -20.79 -11.25 -5.20
N ILE B 214 -20.62 -10.83 -3.96
CA ILE B 214 -19.79 -11.53 -2.99
C ILE B 214 -20.67 -11.92 -1.81
N GLY B 215 -20.49 -13.11 -1.24
CA GLY B 215 -21.30 -13.45 -0.09
C GLY B 215 -20.83 -14.65 0.72
N ALA B 216 -21.44 -14.83 1.89
CA ALA B 216 -21.19 -15.97 2.76
C ALA B 216 -21.81 -17.27 2.24
N LEU B 217 -21.07 -18.36 2.31
CA LEU B 217 -21.57 -19.68 1.94
C LEU B 217 -21.82 -20.53 3.18
N GLU B 218 -23.02 -21.11 3.27
CA GLU B 218 -23.40 -22.02 4.36
C GLU B 218 -23.27 -21.35 5.72
N GLU B 219 -23.65 -20.08 5.77
CA GLU B 219 -23.70 -19.36 7.02
C GLU B 219 -25.11 -19.30 7.52
N SER B 220 -25.29 -19.49 8.83
CA SER B 220 -26.61 -19.38 9.43
C SER B 220 -26.71 -18.24 10.47
N TRP B 221 -25.57 -17.72 10.89
CA TRP B 221 -25.57 -16.59 11.83
C TRP B 221 -24.23 -15.84 11.87
N TYR B 222 -24.28 -14.57 12.26
CA TYR B 222 -23.09 -13.79 12.56
C TYR B 222 -23.40 -12.75 13.62
N LEU B 223 -22.36 -12.24 14.26
CA LEU B 223 -22.49 -11.26 15.33
C LEU B 223 -22.14 -9.83 14.90
N ALA B 224 -22.91 -8.86 15.38
CA ALA B 224 -22.57 -7.45 15.17
C ALA B 224 -22.86 -6.66 16.45
N GLY B 225 -22.28 -7.13 17.56
CA GLY B 225 -22.50 -6.52 18.86
C GLY B 225 -23.40 -7.38 19.73
N GLU B 226 -24.51 -6.80 20.18
CA GLU B 226 -25.54 -7.56 20.86
C GLU B 226 -26.23 -8.37 19.78
N ALA B 227 -26.24 -7.79 18.59
CA ALA B 227 -26.85 -8.40 17.42
C ALA B 227 -26.22 -9.75 17.06
N ARG B 228 -26.95 -10.84 17.33
CA ARG B 228 -26.63 -12.15 16.77
C ARG B 228 -27.67 -12.50 15.70
N LEU B 229 -27.35 -12.25 14.43
CA LEU B 229 -28.35 -12.21 13.34
C LEU B 229 -28.48 -13.48 12.50
N THR B 230 -29.70 -13.73 12.02
CA THR B 230 -29.98 -14.93 11.23
C THR B 230 -29.74 -14.75 9.74
N VAL B 231 -29.05 -15.72 9.17
CA VAL B 231 -28.64 -15.75 7.78
C VAL B 231 -29.14 -17.06 7.17
N VAL B 232 -29.66 -17.01 5.94
CA VAL B 232 -29.95 -18.23 5.18
C VAL B 232 -28.65 -18.82 4.67
N PRO B 233 -28.35 -20.08 5.04
CA PRO B 233 -27.14 -20.69 4.48
C PRO B 233 -27.41 -21.02 3.03
N VAL B 234 -26.51 -20.62 2.12
CA VAL B 234 -26.63 -20.96 0.71
C VAL B 234 -25.39 -21.67 0.21
N SER B 235 -25.53 -22.42 -0.87
CA SER B 235 -24.41 -23.14 -1.41
C SER B 235 -24.06 -22.41 -2.70
N GLU B 236 -22.95 -22.83 -3.31
CA GLU B 236 -22.56 -22.21 -4.55
C GLU B 236 -23.61 -22.51 -5.58
N GLU B 237 -24.20 -23.70 -5.52
CA GLU B 237 -25.14 -24.10 -6.55
C GLU B 237 -26.46 -23.36 -6.43
N GLU B 238 -26.88 -23.08 -5.19
CA GLU B 238 -28.05 -22.22 -4.94
C GLU B 238 -27.84 -20.80 -5.47
N VAL B 239 -26.64 -20.27 -5.28
CA VAL B 239 -26.30 -18.96 -5.81
C VAL B 239 -26.32 -18.98 -7.33
N ARG B 240 -25.80 -20.04 -7.93
CA ARG B 240 -25.78 -20.12 -9.39
C ARG B 240 -27.20 -20.14 -9.95
N GLU B 241 -28.06 -20.98 -9.35
CA GLU B 241 -29.42 -21.12 -9.85
C GLU B 241 -30.20 -19.79 -9.73
N ALA B 242 -30.06 -19.10 -8.61
CA ALA B 242 -30.76 -17.82 -8.45
C ALA B 242 -30.35 -16.79 -9.51
N LEU B 243 -29.06 -16.73 -9.83
CA LEU B 243 -28.58 -15.78 -10.85
C LEU B 243 -29.20 -16.11 -12.20
N VAL B 244 -29.19 -17.39 -12.55
CA VAL B 244 -29.85 -17.84 -13.77
C VAL B 244 -31.34 -17.50 -13.71
N ARG B 245 -31.96 -17.85 -12.59
CA ARG B 245 -33.39 -17.58 -12.38
C ARG B 245 -33.71 -16.10 -12.54
N SER B 246 -32.72 -15.23 -12.34
CA SER B 246 -33.00 -13.79 -12.40
C SER B 246 -32.64 -13.19 -13.76
N GLY B 247 -32.13 -14.02 -14.66
CA GLY B 247 -31.83 -13.56 -16.01
C GLY B 247 -30.38 -13.14 -16.24
N TYR B 248 -29.46 -13.80 -15.55
CA TYR B 248 -28.05 -13.52 -15.77
C TYR B 248 -27.41 -14.68 -16.47
N LYS B 249 -26.39 -14.37 -17.25
CA LYS B 249 -25.42 -15.37 -17.65
C LYS B 249 -24.32 -15.30 -16.59
N VAL B 250 -23.92 -16.45 -16.07
CA VAL B 250 -22.86 -16.47 -15.08
C VAL B 250 -21.50 -16.52 -15.78
N ARG B 251 -20.71 -15.44 -15.64
CA ARG B 251 -19.43 -15.36 -16.31
C ARG B 251 -18.33 -15.98 -15.44
N ASP B 252 -18.49 -15.85 -14.13
CA ASP B 252 -17.49 -16.37 -13.21
C ASP B 252 -18.13 -16.63 -11.87
N LEU B 253 -17.76 -17.74 -11.24
CA LEU B 253 -18.25 -18.01 -9.89
C LEU B 253 -17.21 -18.80 -9.10
N ARG B 254 -16.52 -18.12 -8.20
CA ARG B 254 -15.46 -18.77 -7.46
C ARG B 254 -15.76 -18.82 -5.98
N THR B 255 -15.12 -19.78 -5.32
CA THR B 255 -15.40 -20.10 -3.93
C THR B 255 -14.12 -20.04 -3.11
N TYR B 256 -14.19 -19.40 -1.94
CA TYR B 256 -13.10 -19.40 -1.00
C TYR B 256 -13.50 -20.20 0.22
N ILE B 257 -12.69 -21.17 0.58
CA ILE B 257 -12.98 -21.95 1.78
C ILE B 257 -12.34 -21.30 2.98
N MET B 258 -13.17 -20.97 3.96
CA MET B 258 -12.66 -20.24 5.11
C MET B 258 -11.69 -21.09 5.93
N PRO B 259 -10.45 -20.60 6.08
CA PRO B 259 -9.51 -21.39 6.88
C PRO B 259 -9.90 -21.39 8.35
N ALA B 260 -9.49 -22.45 9.05
CA ALA B 260 -9.90 -22.66 10.43
C ALA B 260 -9.54 -21.47 11.30
N HIS B 261 -8.34 -20.94 11.08
CA HIS B 261 -7.83 -19.83 11.87
C HIS B 261 -8.57 -18.53 11.60
N LEU B 262 -9.36 -18.48 10.53
CA LEU B 262 -10.19 -17.30 10.32
C LEU B 262 -11.61 -17.57 10.82
N GLN B 263 -11.86 -18.79 11.28
CA GLN B 263 -13.18 -19.09 11.85
C GLN B 263 -13.24 -18.72 13.32
N THR B 264 -13.52 -17.44 13.58
CA THR B 264 -13.33 -16.81 14.89
C THR B 264 -14.52 -16.73 15.86
N GLY B 265 -15.62 -17.40 15.56
CA GLY B 265 -16.74 -17.35 16.48
C GLY B 265 -17.65 -16.16 16.29
N VAL B 266 -17.30 -15.28 15.35
CA VAL B 266 -18.15 -14.16 14.98
C VAL B 266 -19.21 -14.59 13.95
N ASP B 267 -19.08 -15.82 13.44
CA ASP B 267 -20.09 -16.37 12.53
C ASP B 267 -19.87 -17.87 12.37
N ASP B 268 -20.67 -18.51 11.54
CA ASP B 268 -20.45 -19.92 11.28
C ASP B 268 -20.31 -20.09 9.77
N VAL B 269 -19.75 -19.06 9.15
CA VAL B 269 -19.52 -19.04 7.72
C VAL B 269 -18.57 -20.17 7.35
N LYS B 270 -18.85 -20.88 6.27
CA LYS B 270 -17.95 -21.96 5.86
C LYS B 270 -17.09 -21.54 4.69
N GLY B 271 -17.60 -20.60 3.91
CA GLY B 271 -16.84 -20.09 2.78
C GLY B 271 -17.42 -18.81 2.26
N VAL B 272 -16.78 -18.29 1.22
CA VAL B 272 -17.17 -17.04 0.61
C VAL B 272 -17.22 -17.25 -0.91
N PHE B 273 -18.23 -16.68 -1.56
CA PHE B 273 -18.39 -16.84 -3.00
C PHE B 273 -18.23 -15.52 -3.68
N PHE B 274 -17.72 -15.57 -4.90
CA PHE B 274 -17.68 -14.40 -5.72
C PHE B 274 -18.26 -14.73 -7.08
N ALA B 275 -19.18 -13.89 -7.52
CA ALA B 275 -19.85 -14.17 -8.78
C ALA B 275 -19.78 -12.95 -9.67
N TRP B 276 -19.48 -13.20 -10.94
CA TRP B 276 -19.54 -12.17 -11.96
C TRP B 276 -20.66 -12.59 -12.92
N ALA B 277 -21.72 -11.81 -12.95
CA ALA B 277 -22.85 -12.14 -13.79
C ALA B 277 -23.27 -10.94 -14.61
N GLN B 278 -23.79 -11.23 -15.78
CA GLN B 278 -24.16 -10.22 -16.74
C GLN B 278 -25.64 -10.40 -17.03
N LYS B 279 -26.42 -9.35 -16.85
CA LYS B 279 -27.86 -9.43 -17.08
C LYS B 279 -28.20 -9.58 -18.56
N VAL B 280 -28.95 -10.62 -18.88
CA VAL B 280 -29.33 -10.93 -20.26
C VAL B 280 -30.21 -9.83 -20.89
N GLY B 281 -29.86 -9.46 -22.13
CA GLY B 281 -30.64 -8.52 -22.90
C GLY B 281 -29.81 -7.70 -23.88
#